data_1XRQ
#
_entry.id   1XRQ
#
_cell.length_a   57.560
_cell.length_b   61.910
_cell.length_c   80.030
_cell.angle_alpha   90.00
_cell.angle_beta   90.00
_cell.angle_gamma   90.00
#
_symmetry.space_group_name_H-M   'P 21 21 21'
#
loop_
_entity.id
_entity.type
_entity.pdbx_description
1 polymer 'Proline iminopeptidase'
2 non-polymer LEUCINE
3 water water
#
_entity_poly.entity_id   1
_entity_poly.type   'polypeptide(L)'
_entity_poly.pdbx_seq_one_letter_code
;MDQECIENYAKVNGIYIYYKLCKAPEEKAKLMTMHGGPGMSHDYLLSLRDMTKEGITVLFYDQFGCGRSEEPDQSKFTID
YGVEEAEALRSKLFGNEKVFLMGSSYGGALALAYAVKYQDHLKGLIVSGGLSSVPLTVKEMNRLIDELPAKYRDAIKKYG
SSGSYENPEYQEAVNYFYHQHLLRSEDWPPEVLKSLEYAERRNVYRIMNGPNEFTITGTIKDWDITDKISAIKIPTLITV
GEYDQVTPNVARVIHEKIAGSELHVFRDCSHLTMWEDREGYNKLLSDFILKHL
;
_entity_poly.pdbx_strand_id   A
#
# COMPACT_ATOMS: atom_id res chain seq x y z
N GLU A 4 -6.65 23.61 -5.11
CA GLU A 4 -6.01 22.55 -4.28
C GLU A 4 -7.01 21.55 -3.70
N CYS A 5 -6.49 20.55 -3.01
CA CYS A 5 -7.33 19.49 -2.42
C CYS A 5 -7.90 19.94 -1.11
N ILE A 6 -9.12 19.53 -0.80
CA ILE A 6 -9.73 19.88 0.47
C ILE A 6 -9.17 18.97 1.55
N GLU A 7 -8.74 19.57 2.66
CA GLU A 7 -8.18 18.81 3.76
C GLU A 7 -9.09 18.89 4.98
N ASN A 8 -9.00 17.90 5.86
CA ASN A 8 -9.83 17.91 7.05
C ASN A 8 -9.41 16.84 8.05
N TYR A 9 -9.78 17.05 9.29
CA TYR A 9 -9.44 16.12 10.37
C TYR A 9 -10.77 15.77 11.00
N ALA A 10 -11.48 14.83 10.40
CA ALA A 10 -12.80 14.42 10.88
C ALA A 10 -12.83 13.09 11.66
N LYS A 11 -13.90 12.92 12.43
CA LYS A 11 -14.10 11.72 13.24
C LYS A 11 -14.68 10.62 12.37
N VAL A 12 -13.98 9.50 12.30
CA VAL A 12 -14.44 8.38 11.49
C VAL A 12 -14.45 7.06 12.22
N ASN A 13 -15.66 6.55 12.47
CA ASN A 13 -15.83 5.29 13.15
C ASN A 13 -15.22 5.29 14.55
N GLY A 14 -15.16 6.47 15.17
CA GLY A 14 -14.61 6.56 16.51
C GLY A 14 -13.49 7.56 16.70
N ILE A 15 -12.34 7.31 16.09
CA ILE A 15 -11.21 8.23 16.20
C ILE A 15 -11.14 9.27 15.07
N TYR A 16 -10.24 10.23 15.21
CA TYR A 16 -10.09 11.26 14.20
C TYR A 16 -9.10 10.89 13.12
N ILE A 17 -9.58 10.91 11.88
CA ILE A 17 -8.77 10.59 10.70
C ILE A 17 -8.60 11.78 9.75
N TYR A 18 -7.37 12.00 9.31
CA TYR A 18 -7.10 13.08 8.37
C TYR A 18 -7.25 12.56 6.96
N TYR A 19 -7.84 13.36 6.09
CA TYR A 19 -7.98 12.96 4.69
C TYR A 19 -7.79 14.11 3.73
N LYS A 20 -7.37 13.80 2.51
CA LYS A 20 -7.14 14.80 1.49
C LYS A 20 -7.96 14.44 0.28
N LEU A 21 -8.99 15.22 0.00
CA LEU A 21 -9.86 14.96 -1.14
C LEU A 21 -9.63 15.95 -2.30
N CYS A 22 -8.89 15.51 -3.32
CA CYS A 22 -8.65 16.36 -4.49
C CYS A 22 -9.74 16.14 -5.51
N LYS A 23 -10.77 16.96 -5.48
CA LYS A 23 -11.87 16.81 -6.43
C LYS A 23 -11.37 17.01 -7.86
N ALA A 24 -11.87 16.20 -8.78
CA ALA A 24 -11.47 16.30 -10.18
C ALA A 24 -12.40 17.29 -10.88
N PRO A 25 -11.84 18.23 -11.67
CA PRO A 25 -12.59 19.25 -12.41
C PRO A 25 -13.90 18.71 -12.94
N GLU A 26 -13.80 17.85 -13.95
CA GLU A 26 -14.98 17.23 -14.53
C GLU A 26 -14.86 15.73 -14.22
N GLU A 27 -14.94 15.38 -12.94
CA GLU A 27 -14.77 13.99 -12.51
C GLU A 27 -15.75 13.03 -13.11
N LYS A 28 -15.25 11.84 -13.44
CA LYS A 28 -16.06 10.78 -14.00
C LYS A 28 -16.14 9.70 -12.96
N ALA A 29 -15.16 9.70 -12.05
CA ALA A 29 -15.13 8.72 -10.97
C ALA A 29 -14.30 9.18 -9.77
N LYS A 30 -14.59 8.58 -8.62
CA LYS A 30 -13.89 8.88 -7.38
C LYS A 30 -13.06 7.66 -6.96
N LEU A 31 -11.78 7.89 -6.72
CA LEU A 31 -10.84 6.85 -6.31
C LEU A 31 -10.40 7.00 -4.86
N MET A 32 -10.55 5.93 -4.10
CA MET A 32 -10.13 5.92 -2.72
C MET A 32 -8.75 5.23 -2.64
N THR A 33 -7.86 5.75 -1.80
CA THR A 33 -6.54 5.13 -1.69
C THR A 33 -6.16 4.66 -0.28
N MET A 34 -5.36 3.60 -0.23
CA MET A 34 -4.89 3.05 1.03
C MET A 34 -3.37 2.89 0.99
N HIS A 35 -2.67 3.71 1.76
CA HIS A 35 -1.22 3.64 1.82
C HIS A 35 -0.79 2.33 2.49
N GLY A 36 0.47 1.98 2.29
CA GLY A 36 1.01 0.76 2.87
C GLY A 36 1.52 0.89 4.30
N GLY A 37 2.50 0.05 4.61
CA GLY A 37 3.09 0.03 5.94
C GLY A 37 3.00 -1.38 6.51
N PRO A 38 2.05 -1.60 7.44
CA PRO A 38 1.11 -0.59 7.93
C PRO A 38 1.78 0.44 8.85
N GLY A 39 1.29 1.67 8.82
CA GLY A 39 1.84 2.69 9.69
C GLY A 39 2.61 3.81 9.01
N MET A 40 2.26 4.11 7.76
CA MET A 40 2.92 5.19 7.02
C MET A 40 1.94 6.34 6.82
N SER A 41 1.78 6.81 5.59
CA SER A 41 0.86 7.92 5.32
C SER A 41 0.49 8.00 3.85
N HIS A 42 -0.48 8.84 3.52
CA HIS A 42 -0.92 9.03 2.14
C HIS A 42 0.15 9.76 1.34
N ASP A 43 0.98 10.50 2.05
CA ASP A 43 2.04 11.30 1.44
C ASP A 43 2.74 10.70 0.23
N TYR A 44 3.12 9.43 0.31
CA TYR A 44 3.82 8.85 -0.82
C TYR A 44 2.91 8.40 -1.94
N LEU A 45 1.63 8.70 -1.86
CA LEU A 45 0.72 8.32 -2.93
C LEU A 45 0.25 9.55 -3.67
N LEU A 46 0.75 10.72 -3.28
CA LEU A 46 0.36 11.98 -3.92
C LEU A 46 0.61 12.09 -5.44
N SER A 47 1.42 11.20 -5.97
CA SER A 47 1.69 11.22 -7.40
C SER A 47 0.41 10.86 -8.16
N LEU A 48 -0.46 10.07 -7.53
CA LEU A 48 -1.72 9.70 -8.16
C LEU A 48 -2.64 10.90 -8.36
N ARG A 49 -2.26 12.03 -7.77
CA ARG A 49 -3.09 13.21 -7.87
C ARG A 49 -3.26 13.63 -9.32
N ASP A 50 -2.25 13.33 -10.13
CA ASP A 50 -2.25 13.68 -11.55
C ASP A 50 -3.53 13.20 -12.22
N MET A 51 -4.07 12.11 -11.70
CA MET A 51 -5.27 11.53 -12.25
C MET A 51 -6.50 12.41 -12.15
N THR A 52 -6.37 13.55 -11.49
CA THR A 52 -7.50 14.46 -11.40
C THR A 52 -7.61 15.17 -12.74
N LYS A 53 -6.52 15.14 -13.51
CA LYS A 53 -6.49 15.74 -14.85
C LYS A 53 -7.23 14.81 -15.83
N GLU A 54 -7.52 13.59 -15.40
CA GLU A 54 -8.25 12.65 -16.23
C GLU A 54 -9.67 12.54 -15.69
N GLY A 55 -10.11 13.54 -14.93
CA GLY A 55 -11.45 13.53 -14.36
C GLY A 55 -11.65 12.48 -13.28
N ILE A 56 -10.59 12.25 -12.50
CA ILE A 56 -10.65 11.27 -11.42
C ILE A 56 -10.35 11.93 -10.08
N THR A 57 -11.34 11.92 -9.20
CA THR A 57 -11.16 12.49 -7.88
C THR A 57 -10.43 11.46 -7.01
N VAL A 58 -9.35 11.91 -6.35
CA VAL A 58 -8.57 10.99 -5.53
C VAL A 58 -8.70 11.30 -4.05
N LEU A 59 -9.12 10.31 -3.27
CA LEU A 59 -9.26 10.49 -1.84
C LEU A 59 -8.04 9.92 -1.12
N PHE A 60 -7.25 10.81 -0.52
CA PHE A 60 -6.07 10.42 0.24
C PHE A 60 -6.43 10.45 1.72
N TYR A 61 -5.83 9.58 2.53
CA TYR A 61 -6.13 9.62 3.97
C TYR A 61 -5.18 8.75 4.75
N ASP A 62 -4.88 9.17 5.99
CA ASP A 62 -3.97 8.47 6.88
C ASP A 62 -4.81 7.53 7.72
N GLN A 63 -4.49 6.25 7.66
CA GLN A 63 -5.25 5.25 8.40
C GLN A 63 -5.04 5.41 9.91
N PHE A 64 -5.84 4.70 10.71
CA PHE A 64 -5.73 4.80 12.17
C PHE A 64 -4.27 4.76 12.65
N GLY A 65 -3.95 5.67 13.56
CA GLY A 65 -2.60 5.77 14.12
C GLY A 65 -1.49 6.10 13.15
N CYS A 66 -1.88 6.48 11.92
CA CYS A 66 -0.93 6.84 10.87
C CYS A 66 -0.91 8.31 10.55
N GLY A 67 0.23 8.75 10.02
CA GLY A 67 0.43 10.13 9.62
C GLY A 67 -0.08 11.17 10.59
N ARG A 68 -1.15 11.86 10.19
CA ARG A 68 -1.73 12.92 10.98
C ARG A 68 -3.01 12.50 11.66
N SER A 69 -3.34 11.21 11.57
CA SER A 69 -4.57 10.67 12.16
C SER A 69 -4.40 10.17 13.59
N GLU A 70 -5.50 10.16 14.32
CA GLU A 70 -5.49 9.72 15.72
C GLU A 70 -5.16 8.25 15.83
N GLU A 71 -4.56 7.85 16.94
CA GLU A 71 -4.23 6.45 17.16
C GLU A 71 -5.31 5.81 18.04
N PRO A 72 -5.88 4.68 17.61
CA PRO A 72 -6.92 3.98 18.38
C PRO A 72 -6.35 3.05 19.41
N ASP A 73 -7.24 2.36 20.13
CA ASP A 73 -6.80 1.42 21.15
C ASP A 73 -5.98 0.33 20.48
N GLN A 74 -4.78 0.08 21.00
CA GLN A 74 -3.86 -0.92 20.44
C GLN A 74 -4.49 -2.27 20.17
N SER A 75 -5.69 -2.49 20.72
CA SER A 75 -6.41 -3.75 20.50
C SER A 75 -7.05 -3.68 19.12
N LYS A 76 -7.27 -2.46 18.64
CA LYS A 76 -7.89 -2.23 17.36
C LYS A 76 -6.87 -2.13 16.23
N PHE A 77 -5.61 -2.40 16.53
CA PHE A 77 -4.58 -2.37 15.50
C PHE A 77 -4.69 -3.62 14.66
N THR A 78 -5.82 -3.79 14.00
CA THR A 78 -6.05 -4.95 13.15
C THR A 78 -6.47 -4.52 11.76
N ILE A 79 -6.28 -5.42 10.80
CA ILE A 79 -6.64 -5.12 9.42
C ILE A 79 -8.15 -4.94 9.31
N ASP A 80 -8.89 -5.84 9.94
CA ASP A 80 -10.36 -5.78 9.89
C ASP A 80 -10.84 -4.43 10.36
N TYR A 81 -10.06 -3.79 11.23
CA TYR A 81 -10.40 -2.48 11.76
C TYR A 81 -10.19 -1.43 10.70
N GLY A 82 -9.12 -1.60 9.93
CA GLY A 82 -8.84 -0.65 8.88
C GLY A 82 -9.99 -0.67 7.89
N VAL A 83 -10.48 -1.87 7.59
CA VAL A 83 -11.58 -2.07 6.66
C VAL A 83 -12.79 -1.27 7.11
N GLU A 84 -13.16 -1.42 8.37
CA GLU A 84 -14.30 -0.70 8.92
C GLU A 84 -14.08 0.79 8.88
N GLU A 85 -12.87 1.21 9.21
CA GLU A 85 -12.52 2.62 9.15
C GLU A 85 -12.74 3.10 7.71
N ALA A 86 -12.16 2.37 6.75
CA ALA A 86 -12.27 2.69 5.34
C ALA A 86 -13.72 2.86 4.90
N GLU A 87 -14.54 1.86 5.19
CA GLU A 87 -15.95 1.92 4.82
C GLU A 87 -16.63 3.14 5.48
N ALA A 88 -16.35 3.32 6.76
CA ALA A 88 -16.89 4.44 7.52
C ALA A 88 -16.56 5.75 6.80
N LEU A 89 -15.30 5.90 6.40
CA LEU A 89 -14.88 7.11 5.72
C LEU A 89 -15.57 7.26 4.37
N ARG A 90 -15.63 6.16 3.61
CA ARG A 90 -16.26 6.16 2.28
C ARG A 90 -17.70 6.65 2.38
N SER A 91 -18.41 6.09 3.34
CA SER A 91 -19.80 6.45 3.57
C SER A 91 -19.91 7.87 4.09
N LYS A 92 -19.03 8.22 5.02
CA LYS A 92 -19.05 9.56 5.59
C LYS A 92 -18.84 10.62 4.53
N LEU A 93 -18.10 10.28 3.48
CA LEU A 93 -17.81 11.25 2.44
C LEU A 93 -18.63 11.08 1.16
N PHE A 94 -18.97 9.84 0.83
CA PHE A 94 -19.71 9.56 -0.39
C PHE A 94 -21.01 8.79 -0.18
N GLY A 95 -21.40 8.65 1.08
CA GLY A 95 -22.62 7.97 1.41
C GLY A 95 -22.78 6.56 0.85
N ASN A 96 -23.40 6.45 -0.31
CA ASN A 96 -23.62 5.13 -0.90
C ASN A 96 -23.17 5.07 -2.34
N GLU A 97 -22.23 5.93 -2.72
CA GLU A 97 -21.74 5.93 -4.09
C GLU A 97 -20.64 4.88 -4.25
N LYS A 98 -20.67 4.12 -5.35
CA LYS A 98 -19.65 3.10 -5.58
C LYS A 98 -18.41 3.78 -6.14
N VAL A 99 -17.25 3.44 -5.58
CA VAL A 99 -15.99 4.02 -6.00
C VAL A 99 -14.91 2.98 -6.27
N PHE A 100 -13.79 3.44 -6.81
CA PHE A 100 -12.66 2.58 -7.11
C PHE A 100 -11.73 2.59 -5.88
N LEU A 101 -11.25 1.43 -5.48
CA LEU A 101 -10.37 1.34 -4.32
C LEU A 101 -8.97 0.93 -4.74
N MET A 102 -7.98 1.70 -4.34
CA MET A 102 -6.58 1.43 -4.67
C MET A 102 -5.75 1.31 -3.43
N GLY A 103 -4.99 0.22 -3.34
CA GLY A 103 -4.16 0.04 -2.16
C GLY A 103 -2.75 -0.20 -2.61
N SER A 104 -1.78 0.18 -1.79
CA SER A 104 -0.38 -0.03 -2.14
C SER A 104 0.31 -0.79 -1.05
N SER A 105 0.92 -1.91 -1.43
CA SER A 105 1.62 -2.73 -0.45
C SER A 105 0.62 -3.15 0.62
N TYR A 106 0.88 -2.80 1.88
CA TYR A 106 -0.04 -3.19 2.92
C TYR A 106 -1.39 -2.66 2.53
N GLY A 107 -1.39 -1.45 1.99
CA GLY A 107 -2.63 -0.81 1.57
C GLY A 107 -3.38 -1.74 0.64
N GLY A 108 -2.66 -2.36 -0.29
CA GLY A 108 -3.26 -3.29 -1.23
C GLY A 108 -3.93 -4.43 -0.48
N ALA A 109 -3.14 -5.11 0.35
CA ALA A 109 -3.69 -6.21 1.15
C ALA A 109 -4.93 -5.73 1.88
N LEU A 110 -4.86 -4.54 2.49
CA LEU A 110 -5.99 -3.93 3.20
C LEU A 110 -7.17 -3.75 2.26
N ALA A 111 -6.89 -3.33 1.04
CA ALA A 111 -7.96 -3.15 0.05
C ALA A 111 -8.67 -4.49 -0.20
N LEU A 112 -7.88 -5.54 -0.44
CA LEU A 112 -8.47 -6.85 -0.71
C LEU A 112 -9.45 -7.19 0.40
N ALA A 113 -8.97 -7.13 1.64
CA ALA A 113 -9.78 -7.42 2.81
C ALA A 113 -11.08 -6.61 2.78
N TYR A 114 -10.98 -5.37 2.35
CA TYR A 114 -12.15 -4.51 2.24
C TYR A 114 -13.10 -5.06 1.18
N ALA A 115 -12.55 -5.30 0.00
CA ALA A 115 -13.34 -5.80 -1.13
C ALA A 115 -14.10 -7.05 -0.76
N VAL A 116 -13.40 -7.96 -0.09
CA VAL A 116 -14.00 -9.22 0.32
C VAL A 116 -15.29 -8.99 1.07
N LYS A 117 -15.37 -7.88 1.79
CA LYS A 117 -16.54 -7.57 2.60
C LYS A 117 -17.48 -6.50 2.01
N TYR A 118 -16.90 -5.46 1.41
CA TYR A 118 -17.69 -4.36 0.85
C TYR A 118 -17.46 -4.12 -0.63
N GLN A 119 -17.21 -5.17 -1.39
CA GLN A 119 -16.94 -5.00 -2.82
C GLN A 119 -18.12 -4.31 -3.50
N ASP A 120 -19.27 -4.34 -2.85
CA ASP A 120 -20.44 -3.68 -3.40
C ASP A 120 -20.20 -2.21 -3.64
N HIS A 121 -19.64 -1.52 -2.64
CA HIS A 121 -19.37 -0.10 -2.74
C HIS A 121 -18.25 0.19 -3.72
N LEU A 122 -17.77 -0.85 -4.39
CA LEU A 122 -16.66 -0.70 -5.30
C LEU A 122 -16.96 -0.92 -6.78
N LYS A 123 -16.59 0.05 -7.60
CA LYS A 123 -16.77 -0.02 -9.04
C LYS A 123 -15.56 -0.75 -9.64
N GLY A 124 -14.47 -0.73 -8.88
CA GLY A 124 -13.24 -1.36 -9.31
C GLY A 124 -12.23 -1.40 -8.18
N LEU A 125 -11.23 -2.25 -8.32
CA LEU A 125 -10.19 -2.42 -7.31
C LEU A 125 -8.79 -2.39 -7.92
N ILE A 126 -7.85 -1.74 -7.24
CA ILE A 126 -6.48 -1.65 -7.75
C ILE A 126 -5.48 -2.03 -6.65
N VAL A 127 -4.68 -3.06 -6.88
CA VAL A 127 -3.74 -3.49 -5.86
C VAL A 127 -2.34 -3.37 -6.43
N SER A 128 -1.55 -2.48 -5.87
CA SER A 128 -0.20 -2.27 -6.35
C SER A 128 0.78 -2.66 -5.28
N GLY A 129 1.62 -3.63 -5.63
CA GLY A 129 2.63 -4.12 -4.70
C GLY A 129 1.92 -4.69 -3.49
N GLY A 130 0.66 -5.08 -3.70
CA GLY A 130 -0.18 -5.66 -2.65
C GLY A 130 0.15 -7.12 -2.39
N LEU A 131 -0.58 -7.75 -1.47
CA LEU A 131 -0.33 -9.14 -1.12
C LEU A 131 -1.56 -9.76 -0.46
N SER A 132 -1.71 -11.08 -0.59
CA SER A 132 -2.85 -11.77 0.01
C SER A 132 -2.40 -12.60 1.19
N SER A 133 -1.09 -12.70 1.36
CA SER A 133 -0.51 -13.49 2.44
C SER A 133 0.84 -12.92 2.84
N VAL A 134 1.00 -12.63 4.11
CA VAL A 134 2.26 -12.09 4.54
C VAL A 134 3.34 -13.16 4.52
N PRO A 135 2.99 -14.39 4.97
CA PRO A 135 3.97 -15.47 4.98
C PRO A 135 4.57 -15.62 3.60
N LEU A 136 3.72 -15.63 2.59
CA LEU A 136 4.16 -15.75 1.22
C LEU A 136 5.14 -14.63 0.85
N THR A 137 4.68 -13.39 1.06
CA THR A 137 5.50 -12.21 0.76
C THR A 137 6.83 -12.33 1.49
N VAL A 138 6.77 -12.74 2.74
CA VAL A 138 7.99 -12.92 3.51
C VAL A 138 8.88 -13.97 2.86
N LYS A 139 8.29 -15.09 2.48
CA LYS A 139 9.03 -16.15 1.82
C LYS A 139 9.75 -15.57 0.60
N GLU A 140 9.01 -14.78 -0.17
CA GLU A 140 9.55 -14.15 -1.36
C GLU A 140 10.62 -13.12 -1.01
N MET A 141 10.43 -12.38 0.07
CA MET A 141 11.41 -11.38 0.47
C MET A 141 12.74 -12.03 0.86
N ASN A 142 12.67 -13.17 1.53
CA ASN A 142 13.89 -13.86 1.91
C ASN A 142 14.71 -14.14 0.65
N ARG A 143 14.05 -14.71 -0.34
CA ARG A 143 14.73 -15.04 -1.60
C ARG A 143 15.45 -13.81 -2.12
N LEU A 144 14.78 -12.67 -2.03
CA LEU A 144 15.38 -11.43 -2.49
C LEU A 144 16.61 -11.13 -1.67
N ILE A 145 16.49 -11.23 -0.35
CA ILE A 145 17.63 -10.94 0.52
C ILE A 145 18.85 -11.78 0.11
N ASP A 146 18.64 -13.09 0.02
CA ASP A 146 19.70 -14.00 -0.34
C ASP A 146 20.27 -13.69 -1.71
N GLU A 147 19.44 -13.13 -2.60
CA GLU A 147 19.88 -12.80 -3.95
C GLU A 147 20.80 -11.59 -4.01
N LEU A 148 20.75 -10.75 -2.99
CA LEU A 148 21.60 -9.58 -2.92
C LEU A 148 23.05 -10.00 -2.75
N PRO A 149 24.00 -9.10 -3.02
CA PRO A 149 25.41 -9.48 -2.87
C PRO A 149 25.68 -9.93 -1.44
N ALA A 150 26.54 -10.93 -1.30
CA ALA A 150 26.90 -11.47 0.01
C ALA A 150 27.12 -10.40 1.07
N LYS A 151 27.88 -9.38 0.70
CA LYS A 151 28.20 -8.28 1.60
C LYS A 151 26.98 -7.86 2.42
N TYR A 152 25.94 -7.38 1.72
CA TYR A 152 24.71 -6.93 2.37
C TYR A 152 23.85 -8.06 2.90
N ARG A 153 23.71 -9.11 2.10
CA ARG A 153 22.92 -10.28 2.46
C ARG A 153 23.23 -10.78 3.87
N ASP A 154 24.49 -11.12 4.10
CA ASP A 154 24.95 -11.63 5.38
C ASP A 154 24.75 -10.59 6.48
N ALA A 155 24.91 -9.31 6.11
CA ALA A 155 24.76 -8.20 7.05
C ALA A 155 23.35 -8.25 7.63
N ILE A 156 22.38 -8.49 6.76
CA ILE A 156 20.99 -8.57 7.18
C ILE A 156 20.81 -9.72 8.16
N LYS A 157 21.39 -10.87 7.82
CA LYS A 157 21.31 -12.07 8.63
C LYS A 157 22.02 -11.94 9.97
N LYS A 158 23.14 -11.22 10.00
CA LYS A 158 23.88 -11.04 11.25
C LYS A 158 23.13 -10.15 12.26
N TYR A 159 23.18 -8.85 12.04
CA TYR A 159 22.55 -7.90 12.93
C TYR A 159 21.05 -8.11 13.06
N GLY A 160 20.45 -8.69 12.02
CA GLY A 160 19.03 -8.95 12.07
C GLY A 160 18.67 -9.90 13.21
N SER A 161 19.55 -10.87 13.48
CA SER A 161 19.33 -11.85 14.53
C SER A 161 19.70 -11.29 15.89
N SER A 162 20.61 -10.32 15.90
CA SER A 162 21.05 -9.68 17.13
C SER A 162 20.13 -8.50 17.49
N GLY A 163 19.11 -8.29 16.66
CA GLY A 163 18.16 -7.21 16.88
C GLY A 163 18.88 -5.88 16.89
N SER A 164 19.99 -5.82 16.15
CA SER A 164 20.80 -4.60 16.07
C SER A 164 20.57 -3.91 14.73
N TYR A 165 19.40 -3.28 14.62
CA TYR A 165 19.04 -2.58 13.38
C TYR A 165 19.67 -1.19 13.34
N GLU A 166 20.15 -0.72 14.48
CA GLU A 166 20.77 0.59 14.58
C GLU A 166 22.16 0.58 13.94
N ASN A 167 22.81 -0.60 13.97
CA ASN A 167 24.14 -0.76 13.39
C ASN A 167 24.22 -0.21 11.96
N PRO A 168 25.29 0.56 11.65
CA PRO A 168 25.50 1.16 10.32
C PRO A 168 25.77 0.13 9.21
N GLU A 169 26.49 -0.93 9.54
CA GLU A 169 26.77 -1.97 8.55
C GLU A 169 25.46 -2.60 8.12
N TYR A 170 24.48 -2.60 9.04
CA TYR A 170 23.15 -3.15 8.80
C TYR A 170 22.37 -2.12 7.98
N GLN A 171 22.33 -0.90 8.48
CA GLN A 171 21.63 0.20 7.82
C GLN A 171 22.07 0.28 6.36
N GLU A 172 23.35 -0.02 6.11
CA GLU A 172 23.90 0.02 4.77
C GLU A 172 23.16 -0.96 3.87
N ALA A 173 23.05 -2.21 4.33
CA ALA A 173 22.36 -3.25 3.57
C ALA A 173 20.90 -2.85 3.34
N VAL A 174 20.23 -2.49 4.43
CA VAL A 174 18.84 -2.07 4.39
C VAL A 174 18.65 -1.03 3.29
N ASN A 175 19.39 0.07 3.38
CA ASN A 175 19.26 1.10 2.38
C ASN A 175 19.56 0.59 0.97
N TYR A 176 20.55 -0.30 0.85
CA TYR A 176 20.92 -0.84 -0.45
C TYR A 176 19.73 -1.57 -1.03
N PHE A 177 19.11 -2.40 -0.20
CA PHE A 177 17.96 -3.17 -0.61
C PHE A 177 16.83 -2.21 -1.02
N TYR A 178 16.67 -1.14 -0.25
CA TYR A 178 15.65 -0.16 -0.54
C TYR A 178 15.80 0.43 -1.94
N HIS A 179 17.01 0.90 -2.25
CA HIS A 179 17.28 1.52 -3.53
C HIS A 179 17.29 0.48 -4.63
N GLN A 180 16.93 -0.75 -4.27
CA GLN A 180 16.93 -1.82 -5.24
C GLN A 180 15.51 -2.32 -5.53
N HIS A 181 14.78 -2.67 -4.47
CA HIS A 181 13.41 -3.19 -4.59
C HIS A 181 12.32 -2.25 -4.08
N LEU A 182 12.71 -1.16 -3.41
CA LEU A 182 11.74 -0.20 -2.88
C LEU A 182 11.55 1.01 -3.80
N LEU A 183 12.66 1.58 -4.26
CA LEU A 183 12.63 2.73 -5.18
C LEU A 183 13.91 2.77 -6.01
N ARG A 184 13.95 1.98 -7.10
CA ARG A 184 15.10 1.87 -7.98
C ARG A 184 15.75 3.17 -8.37
N SER A 185 17.05 3.07 -8.64
CA SER A 185 17.94 4.15 -9.03
C SER A 185 17.27 5.52 -9.09
N GLU A 186 16.78 5.98 -7.96
CA GLU A 186 16.14 7.29 -7.88
C GLU A 186 16.67 8.11 -6.71
N ASP A 187 16.31 9.38 -6.70
CA ASP A 187 16.73 10.33 -5.68
C ASP A 187 15.50 10.70 -4.84
N TRP A 188 14.85 9.65 -4.34
CA TRP A 188 13.66 9.72 -3.49
C TRP A 188 13.05 11.09 -3.25
N PRO A 189 11.78 11.26 -3.64
CA PRO A 189 11.07 12.52 -3.48
C PRO A 189 10.64 12.72 -2.04
N PRO A 190 10.39 13.98 -1.64
CA PRO A 190 9.98 14.30 -0.27
C PRO A 190 8.81 13.45 0.23
N GLU A 191 7.73 13.42 -0.55
CA GLU A 191 6.54 12.68 -0.17
C GLU A 191 6.87 11.28 0.35
N VAL A 192 7.75 10.58 -0.36
CA VAL A 192 8.12 9.25 0.07
C VAL A 192 8.85 9.32 1.40
N LEU A 193 9.81 10.24 1.48
CA LEU A 193 10.60 10.42 2.71
C LEU A 193 9.72 10.99 3.82
N LYS A 194 8.53 11.44 3.44
CA LYS A 194 7.60 11.97 4.40
C LYS A 194 6.86 10.81 5.04
N SER A 195 6.46 9.82 4.23
CA SER A 195 5.75 8.67 4.76
C SER A 195 6.67 7.81 5.61
N LEU A 196 7.93 7.75 5.24
CA LEU A 196 8.87 6.95 6.00
C LEU A 196 9.11 7.61 7.36
N GLU A 197 9.22 8.92 7.33
CA GLU A 197 9.44 9.68 8.54
C GLU A 197 8.27 9.43 9.50
N TYR A 198 7.06 9.35 8.96
CA TYR A 198 5.89 9.12 9.79
C TYR A 198 5.89 7.73 10.44
N ALA A 199 6.13 6.69 9.64
CA ALA A 199 6.14 5.34 10.16
C ALA A 199 7.10 5.20 11.32
N GLU A 200 8.31 5.72 11.16
CA GLU A 200 9.35 5.67 12.19
C GLU A 200 9.02 6.56 13.40
N ARG A 201 7.94 7.33 13.28
CA ARG A 201 7.50 8.23 14.34
C ARG A 201 6.29 7.68 15.08
N ARG A 202 5.39 7.00 14.37
CA ARG A 202 4.21 6.42 14.99
C ARG A 202 4.45 4.98 15.46
N ASN A 203 3.47 4.39 16.14
CA ASN A 203 3.63 3.05 16.67
C ASN A 203 3.04 1.93 15.83
N VAL A 204 2.13 2.29 14.93
CA VAL A 204 1.48 1.29 14.10
C VAL A 204 2.47 0.38 13.40
N TYR A 205 3.41 0.98 12.69
CA TYR A 205 4.42 0.21 11.96
C TYR A 205 5.17 -0.73 12.88
N ARG A 206 5.68 -0.17 13.98
CA ARG A 206 6.44 -0.92 14.98
C ARG A 206 5.69 -2.16 15.48
N ILE A 207 4.42 -1.97 15.81
CA ILE A 207 3.60 -3.05 16.34
C ILE A 207 3.09 -4.05 15.28
N MET A 208 2.43 -3.53 14.25
CA MET A 208 1.88 -4.40 13.22
C MET A 208 2.88 -4.99 12.27
N ASN A 209 3.83 -4.18 11.81
CA ASN A 209 4.84 -4.66 10.86
C ASN A 209 6.08 -5.19 11.54
N GLY A 210 6.75 -4.34 12.31
CA GLY A 210 7.97 -4.75 12.99
C GLY A 210 9.12 -3.82 12.65
N PRO A 211 10.37 -4.30 12.76
CA PRO A 211 11.58 -3.51 12.46
C PRO A 211 11.53 -2.75 11.13
N ASN A 212 11.74 -3.47 10.03
CA ASN A 212 11.73 -2.84 8.72
C ASN A 212 10.86 -3.62 7.73
N GLU A 213 11.09 -3.38 6.43
CA GLU A 213 10.36 -4.05 5.36
C GLU A 213 10.50 -5.56 5.40
N PHE A 214 11.68 -6.05 5.02
CA PHE A 214 11.94 -7.47 5.00
C PHE A 214 11.92 -8.13 6.38
N THR A 215 11.83 -7.34 7.43
CA THR A 215 11.78 -7.88 8.79
C THR A 215 10.36 -7.77 9.35
N ILE A 216 9.45 -8.56 8.80
CA ILE A 216 8.05 -8.56 9.22
C ILE A 216 7.78 -9.53 10.39
N THR A 217 7.84 -9.01 11.60
CA THR A 217 7.61 -9.83 12.79
C THR A 217 6.47 -9.25 13.61
N GLY A 218 5.79 -8.26 13.05
CA GLY A 218 4.70 -7.61 13.76
C GLY A 218 3.53 -8.54 14.01
N THR A 219 2.36 -7.96 14.25
CA THR A 219 1.16 -8.74 14.53
C THR A 219 0.58 -9.35 13.26
N ILE A 220 0.85 -8.72 12.12
CA ILE A 220 0.31 -9.23 10.87
C ILE A 220 1.16 -10.37 10.28
N LYS A 221 2.26 -10.71 10.96
CA LYS A 221 3.21 -11.74 10.51
C LYS A 221 2.59 -12.94 9.83
N ASP A 222 1.47 -13.42 10.36
CA ASP A 222 0.83 -14.61 9.80
C ASP A 222 -0.49 -14.40 9.06
N TRP A 223 -0.84 -13.14 8.82
CA TRP A 223 -2.09 -12.82 8.13
C TRP A 223 -2.08 -13.49 6.75
N ASP A 224 -3.22 -14.02 6.34
CA ASP A 224 -3.33 -14.70 5.05
C ASP A 224 -4.79 -14.97 4.70
N ILE A 225 -5.27 -14.31 3.65
CA ILE A 225 -6.65 -14.48 3.22
C ILE A 225 -6.78 -14.91 1.76
N THR A 226 -5.75 -15.57 1.26
CA THR A 226 -5.75 -16.04 -0.12
C THR A 226 -7.00 -16.87 -0.40
N ASP A 227 -7.35 -17.72 0.56
CA ASP A 227 -8.51 -18.60 0.45
C ASP A 227 -9.84 -17.87 0.57
N LYS A 228 -9.85 -16.56 0.35
CA LYS A 228 -11.08 -15.80 0.45
C LYS A 228 -11.17 -14.72 -0.62
N ILE A 229 -10.02 -14.29 -1.13
CA ILE A 229 -10.01 -13.24 -2.13
C ILE A 229 -10.70 -13.62 -3.44
N SER A 230 -10.86 -14.91 -3.66
CA SER A 230 -11.49 -15.42 -4.87
C SER A 230 -12.91 -14.87 -4.98
N ALA A 231 -13.53 -14.64 -3.82
CA ALA A 231 -14.89 -14.13 -3.75
C ALA A 231 -15.05 -12.78 -4.41
N ILE A 232 -13.93 -12.16 -4.76
CA ILE A 232 -13.98 -10.85 -5.40
C ILE A 232 -14.32 -10.97 -6.89
N LYS A 233 -15.31 -10.21 -7.33
CA LYS A 233 -15.72 -10.26 -8.73
C LYS A 233 -15.67 -8.94 -9.47
N ILE A 234 -15.47 -7.84 -8.78
CA ILE A 234 -15.40 -6.54 -9.44
C ILE A 234 -14.11 -6.37 -10.24
N PRO A 235 -14.10 -5.43 -11.20
CA PRO A 235 -12.89 -5.21 -12.00
C PRO A 235 -11.71 -4.93 -11.09
N THR A 236 -10.61 -5.63 -11.31
CA THR A 236 -9.43 -5.47 -10.50
C THR A 236 -8.17 -5.37 -11.32
N LEU A 237 -7.34 -4.38 -11.02
CA LEU A 237 -6.07 -4.18 -11.70
C LEU A 237 -4.95 -4.41 -10.68
N ILE A 238 -4.16 -5.45 -10.90
CA ILE A 238 -3.05 -5.78 -10.01
C ILE A 238 -1.72 -5.38 -10.68
N THR A 239 -1.02 -4.42 -10.08
CA THR A 239 0.25 -3.94 -10.63
C THR A 239 1.37 -4.31 -9.66
N VAL A 240 2.58 -4.38 -10.19
CA VAL A 240 3.77 -4.75 -9.42
C VAL A 240 5.01 -4.47 -10.25
N GLY A 241 6.07 -4.01 -9.59
CA GLY A 241 7.29 -3.71 -10.30
C GLY A 241 8.16 -4.91 -10.53
N GLU A 242 8.90 -4.89 -11.63
CA GLU A 242 9.80 -5.97 -11.97
C GLU A 242 10.65 -6.37 -10.78
N TYR A 243 11.27 -5.39 -10.15
CA TYR A 243 12.15 -5.62 -9.01
C TYR A 243 11.42 -5.29 -7.71
N ASP A 244 10.09 -5.34 -7.76
CA ASP A 244 9.28 -4.99 -6.59
C ASP A 244 9.65 -5.87 -5.41
N GLN A 245 9.75 -5.28 -4.21
CA GLN A 245 10.10 -6.03 -2.98
C GLN A 245 9.02 -7.07 -2.70
N VAL A 246 7.77 -6.77 -3.08
CA VAL A 246 6.66 -7.71 -2.91
C VAL A 246 6.54 -8.32 -4.31
N THR A 247 7.53 -9.15 -4.65
CA THR A 247 7.67 -9.82 -5.94
C THR A 247 6.39 -10.08 -6.70
N PRO A 248 6.47 -10.04 -8.05
CA PRO A 248 5.32 -10.29 -8.90
C PRO A 248 4.75 -11.68 -8.64
N ASN A 249 5.60 -12.57 -8.16
CA ASN A 249 5.13 -13.91 -7.84
C ASN A 249 3.96 -13.76 -6.85
N VAL A 250 4.14 -12.89 -5.86
CA VAL A 250 3.12 -12.64 -4.85
C VAL A 250 1.87 -12.08 -5.54
N ALA A 251 2.07 -11.11 -6.43
CA ALA A 251 0.96 -10.50 -7.14
C ALA A 251 0.23 -11.56 -7.96
N ARG A 252 0.96 -12.58 -8.39
CA ARG A 252 0.37 -13.66 -9.18
C ARG A 252 -0.72 -14.39 -8.38
N VAL A 253 -0.40 -14.75 -7.14
CA VAL A 253 -1.34 -15.44 -6.27
C VAL A 253 -2.68 -14.70 -6.21
N ILE A 254 -2.62 -13.37 -6.26
CA ILE A 254 -3.84 -12.58 -6.22
C ILE A 254 -4.55 -12.63 -7.55
N HIS A 255 -3.78 -12.45 -8.63
CA HIS A 255 -4.33 -12.46 -9.98
C HIS A 255 -4.96 -13.80 -10.33
N GLU A 256 -4.33 -14.86 -9.87
CA GLU A 256 -4.80 -16.21 -10.14
C GLU A 256 -6.12 -16.51 -9.43
N LYS A 257 -6.41 -15.81 -8.33
CA LYS A 257 -7.64 -16.01 -7.56
C LYS A 257 -8.79 -15.09 -7.96
N ILE A 258 -8.47 -13.86 -8.33
CA ILE A 258 -9.50 -12.90 -8.73
C ILE A 258 -9.74 -12.94 -10.25
N ALA A 259 -10.82 -13.59 -10.67
CA ALA A 259 -11.14 -13.72 -12.07
C ALA A 259 -11.39 -12.37 -12.71
N GLY A 260 -11.10 -12.29 -14.00
CA GLY A 260 -11.28 -11.07 -14.77
C GLY A 260 -10.32 -9.97 -14.37
N SER A 261 -9.34 -10.33 -13.56
CA SER A 261 -8.39 -9.33 -13.10
C SER A 261 -7.26 -9.16 -14.08
N GLU A 262 -6.68 -7.98 -14.12
CA GLU A 262 -5.57 -7.74 -15.00
C GLU A 262 -4.30 -7.79 -14.14
N LEU A 263 -3.14 -7.99 -14.76
CA LEU A 263 -1.89 -8.03 -14.02
C LEU A 263 -0.80 -7.34 -14.83
N HIS A 264 -0.35 -6.19 -14.36
CA HIS A 264 0.68 -5.42 -15.05
C HIS A 264 1.97 -5.34 -14.27
N VAL A 265 3.03 -5.87 -14.84
CA VAL A 265 4.34 -5.82 -14.23
C VAL A 265 5.11 -4.63 -14.80
N PHE A 266 5.55 -3.73 -13.94
CA PHE A 266 6.29 -2.56 -14.40
C PHE A 266 7.79 -2.82 -14.51
N ARG A 267 8.24 -3.07 -15.73
CA ARG A 267 9.65 -3.36 -15.97
C ARG A 267 10.54 -2.23 -15.49
N ASP A 268 11.71 -2.58 -14.97
CA ASP A 268 12.64 -1.57 -14.47
C ASP A 268 12.06 -0.74 -13.31
N CYS A 269 11.00 -1.24 -12.69
CA CYS A 269 10.40 -0.55 -11.56
C CYS A 269 10.36 -1.47 -10.37
N SER A 270 10.37 -0.89 -9.18
CA SER A 270 10.35 -1.69 -7.96
C SER A 270 9.00 -1.54 -7.29
N HIS A 271 8.99 -1.34 -5.97
CA HIS A 271 7.77 -1.23 -5.19
C HIS A 271 6.96 0.02 -5.49
N LEU A 272 7.56 1.18 -5.25
CA LEU A 272 6.88 2.45 -5.48
C LEU A 272 6.85 2.83 -6.96
N THR A 273 6.21 2.01 -7.77
CA THR A 273 6.14 2.27 -9.18
C THR A 273 5.47 3.60 -9.50
N MET A 274 4.56 4.04 -8.62
CA MET A 274 3.84 5.30 -8.85
C MET A 274 4.79 6.50 -8.95
N TRP A 275 6.04 6.28 -8.58
CA TRP A 275 7.03 7.33 -8.66
C TRP A 275 8.07 6.99 -9.73
N GLU A 276 8.51 5.74 -9.78
CA GLU A 276 9.50 5.33 -10.76
C GLU A 276 8.97 5.49 -12.18
N ASP A 277 7.64 5.56 -12.31
CA ASP A 277 7.02 5.73 -13.63
C ASP A 277 5.68 6.42 -13.40
N ARG A 278 5.75 7.60 -12.80
CA ARG A 278 4.56 8.38 -12.50
C ARG A 278 3.54 8.49 -13.66
N GLU A 279 4.00 8.94 -14.82
CA GLU A 279 3.11 9.10 -15.98
C GLU A 279 2.55 7.77 -16.43
N GLY A 280 3.44 6.79 -16.58
CA GLY A 280 3.01 5.47 -16.99
C GLY A 280 2.06 4.81 -16.00
N TYR A 281 2.38 4.94 -14.73
CA TYR A 281 1.56 4.36 -13.69
C TYR A 281 0.21 5.04 -13.64
N ASN A 282 0.23 6.36 -13.61
CA ASN A 282 -1.02 7.11 -13.54
C ASN A 282 -1.94 6.83 -14.72
N LYS A 283 -1.34 6.69 -15.90
CA LYS A 283 -2.11 6.43 -17.11
C LYS A 283 -2.81 5.07 -17.03
N LEU A 284 -2.08 4.07 -16.60
CA LEU A 284 -2.65 2.74 -16.50
C LEU A 284 -3.89 2.75 -15.61
N LEU A 285 -3.75 3.24 -14.39
CA LEU A 285 -4.88 3.28 -13.48
C LEU A 285 -6.06 4.07 -14.04
N SER A 286 -5.77 5.25 -14.60
CA SER A 286 -6.84 6.07 -15.14
C SER A 286 -7.54 5.35 -16.28
N ASP A 287 -6.75 4.72 -17.15
CA ASP A 287 -7.35 3.98 -18.26
C ASP A 287 -8.28 2.93 -17.67
N PHE A 288 -7.74 2.10 -16.77
CA PHE A 288 -8.50 1.06 -16.11
C PHE A 288 -9.80 1.63 -15.52
N ILE A 289 -9.66 2.63 -14.65
CA ILE A 289 -10.79 3.26 -13.98
C ILE A 289 -11.88 3.72 -14.95
N LEU A 290 -11.50 4.54 -15.92
CA LEU A 290 -12.44 5.06 -16.91
C LEU A 290 -13.00 3.94 -17.80
N LYS A 291 -12.22 2.86 -17.92
CA LYS A 291 -12.58 1.69 -18.72
C LYS A 291 -13.68 0.87 -18.06
N HIS A 292 -13.77 0.96 -16.74
CA HIS A 292 -14.77 0.21 -15.98
C HIS A 292 -15.67 1.20 -15.29
N LEU A 293 -15.87 2.33 -15.95
CA LEU A 293 -16.70 3.40 -15.43
C LEU A 293 -18.15 2.96 -15.31
N LEU B . 5.74 -1.42 4.67
CA LEU B . 5.51 -2.06 3.35
C LEU B . 5.01 -1.05 2.33
O LEU B . 5.59 -0.95 1.23
CB LEU B . 4.52 -3.22 3.49
CG LEU B . 5.11 -4.53 4.01
CD1 LEU B . 4.02 -5.42 4.51
CD2 LEU B . 5.90 -5.22 2.90
OXT LEU B . 4.05 -0.33 2.65
#